data_8JGU
#
_entry.id   8JGU
#
_cell.length_a   101.410
_cell.length_b   101.410
_cell.length_c   49.260
_cell.angle_alpha   90.00
_cell.angle_beta   90.00
_cell.angle_gamma   120.00
#
_symmetry.space_group_name_H-M   'P 64'
#
loop_
_entity.id
_entity.type
_entity.pdbx_description
1 polymer Exopolyphosphatase
2 non-polymer 'SODIUM ION'
3 water water
#
_entity_poly.entity_id   1
_entity_poly.type   'polypeptide(L)'
_entity_poly.pdbx_seq_one_letter_code
;MGSSHHHHHHSSGLVPRGSHMRVAVADVGTNSSHLLIAEALPGDAGGFRVIDTLKDRTRLGECLDTRGELTPEGEERLAS
ALTRFRELAASAGAGDVRVYATSALREAPNGAEVAERVRQRTGLYPAVISGVREGELTYLGVREAVELGPDNVLLDLGGG
SLEFVRGAEERAADVLSLPLGAIRMTRAFPEGDGKNAGRDVADAVARQVRELLRPHAGRFAARPGTQFFLSSGTAEAAAD
AIAQRRGGRPAEAAGGVNGERFTLTELADLLAHVARLRPAQRARVPGLERRGDTILAALSVLHAALDALGAREVTVSEGA
LREGMLIEELAQVQTFSLA
;
_entity_poly.pdbx_strand_id   A
#
loop_
_chem_comp.id
_chem_comp.type
_chem_comp.name
_chem_comp.formula
NA non-polymer 'SODIUM ION' 'Na 1'
#
# COMPACT_ATOMS: atom_id res chain seq x y z
N MET A 21 26.87 -7.09 -8.68
CA MET A 21 26.14 -5.85 -8.83
C MET A 21 24.64 -6.06 -8.60
N ARG A 22 24.28 -6.99 -7.72
CA ARG A 22 22.88 -7.31 -7.44
C ARG A 22 22.52 -6.95 -6.01
N VAL A 23 21.32 -6.40 -5.83
CA VAL A 23 20.85 -5.92 -4.53
C VAL A 23 19.47 -6.49 -4.29
N ALA A 24 19.15 -6.68 -3.02
CA ALA A 24 17.88 -7.28 -2.63
C ALA A 24 17.25 -6.46 -1.51
N VAL A 25 15.96 -6.15 -1.66
CA VAL A 25 15.21 -5.44 -0.64
C VAL A 25 13.91 -6.21 -0.45
N ALA A 26 13.39 -6.17 0.77
CA ALA A 26 12.14 -6.88 1.05
C ALA A 26 11.28 -6.05 1.96
N ASP A 27 9.96 -6.19 1.81
CA ASP A 27 9.03 -5.57 2.72
C ASP A 27 8.11 -6.65 3.30
N VAL A 28 7.84 -6.53 4.60
CA VAL A 28 6.90 -7.38 5.30
C VAL A 28 5.63 -6.56 5.50
N GLY A 29 4.57 -6.97 4.80
CA GLY A 29 3.31 -6.28 4.92
C GLY A 29 2.44 -6.98 5.94
N THR A 30 1.14 -7.04 5.68
CA THR A 30 0.21 -7.72 6.59
C THR A 30 -0.05 -9.15 6.14
N ASN A 31 -0.59 -9.33 4.95
CA ASN A 31 -0.88 -10.66 4.47
C ASN A 31 0.11 -11.13 3.43
N SER A 32 1.05 -10.28 3.03
CA SER A 32 2.07 -10.70 2.08
C SER A 32 3.40 -10.03 2.41
N SER A 33 4.49 -10.73 2.09
CA SER A 33 5.84 -10.19 2.12
C SER A 33 6.44 -10.39 0.74
N HIS A 34 7.26 -9.45 0.31
CA HIS A 34 7.84 -9.47 -1.04
C HIS A 34 9.34 -9.26 -0.97
N LEU A 35 10.06 -10.00 -1.80
CA LEU A 35 11.48 -9.80 -2.03
C LEU A 35 11.67 -9.28 -3.44
N LEU A 36 12.42 -8.19 -3.58
CA LEU A 36 12.75 -7.61 -4.87
C LEU A 36 14.25 -7.76 -5.07
N ILE A 37 14.65 -8.39 -6.16
CA ILE A 37 16.06 -8.54 -6.51
C ILE A 37 16.31 -7.72 -7.76
N ALA A 38 17.33 -6.88 -7.71
CA ALA A 38 17.58 -5.93 -8.80
C ALA A 38 19.06 -5.93 -9.08
N GLU A 39 19.42 -5.62 -10.32
CA GLU A 39 20.82 -5.39 -10.65
C GLU A 39 21.06 -3.88 -10.65
N ALA A 40 22.11 -3.49 -9.95
CA ALA A 40 22.47 -2.09 -9.82
C ALA A 40 23.37 -1.74 -11.01
N LEU A 41 22.92 -0.80 -11.83
CA LEU A 41 23.64 -0.45 -13.03
C LEU A 41 24.89 0.37 -12.68
N PRO A 42 25.87 0.47 -13.62
CA PRO A 42 27.00 1.39 -13.43
C PRO A 42 26.62 2.72 -12.83
N GLY A 43 27.26 3.10 -11.72
CA GLY A 43 26.87 4.27 -10.95
C GLY A 43 26.79 5.56 -11.74
N ASP A 44 27.41 5.62 -12.92
CA ASP A 44 27.52 6.88 -13.66
C ASP A 44 26.15 7.51 -13.93
N ALA A 45 25.34 6.84 -14.75
CA ALA A 45 23.90 7.15 -14.80
C ALA A 45 23.11 6.38 -13.74
N GLY A 46 23.71 5.36 -13.14
CA GLY A 46 23.05 4.61 -12.08
C GLY A 46 21.85 3.87 -12.61
N GLY A 47 20.78 3.88 -11.84
CA GLY A 47 19.58 3.14 -12.17
C GLY A 47 19.67 1.68 -11.76
N PHE A 48 18.55 0.97 -11.97
CA PHE A 48 18.41 -0.43 -11.57
C PHE A 48 17.59 -1.17 -12.62
N ARG A 49 17.79 -2.49 -12.69
CA ARG A 49 16.95 -3.37 -13.48
C ARG A 49 16.45 -4.47 -12.57
N VAL A 50 15.13 -4.58 -12.45
CA VAL A 50 14.51 -5.56 -11.58
C VAL A 50 14.69 -6.95 -12.17
N ILE A 51 15.34 -7.84 -11.41
CA ILE A 51 15.65 -9.20 -11.84
C ILE A 51 14.52 -10.16 -11.47
N ASP A 52 13.89 -9.96 -10.31
CA ASP A 52 12.86 -10.88 -9.83
C ASP A 52 12.11 -10.21 -8.68
N THR A 53 10.82 -10.53 -8.58
CA THR A 53 10.02 -10.17 -7.42
C THR A 53 9.35 -11.43 -6.91
N LEU A 54 9.62 -11.79 -5.66
CA LEU A 54 9.14 -13.04 -5.08
C LEU A 54 8.21 -12.76 -3.92
N LYS A 55 7.00 -13.29 -4.00
CA LYS A 55 5.98 -13.06 -2.98
C LYS A 55 5.97 -14.19 -1.97
N ASP A 56 5.76 -13.85 -0.71
CA ASP A 56 5.44 -14.85 0.31
C ASP A 56 4.10 -14.50 0.93
N ARG A 57 3.16 -15.45 0.90
CA ARG A 57 1.83 -15.28 1.48
C ARG A 57 1.93 -15.47 2.99
N THR A 58 2.59 -14.50 3.64
CA THR A 58 2.88 -14.60 5.06
C THR A 58 1.59 -14.65 5.88
N ARG A 59 0.56 -13.93 5.43
CA ARG A 59 -0.74 -13.95 6.08
C ARG A 59 -0.61 -13.66 7.58
N LEU A 60 0.14 -12.61 7.90
CA LEU A 60 0.26 -12.24 9.31
C LEU A 60 -1.06 -11.71 9.86
N GLY A 61 -1.95 -11.26 8.99
CA GLY A 61 -3.20 -10.67 9.43
C GLY A 61 -4.09 -11.66 10.15
N GLU A 62 -4.07 -12.92 9.74
CA GLU A 62 -4.80 -13.99 10.41
C GLU A 62 -4.04 -14.58 11.59
N CYS A 63 -2.84 -14.07 11.87
CA CYS A 63 -2.07 -14.53 13.01
C CYS A 63 -1.96 -13.46 14.10
N LEU A 64 -2.94 -12.55 14.14
CA LEU A 64 -3.01 -11.49 15.13
C LEU A 64 -4.10 -11.84 16.13
N ASP A 65 -3.78 -11.74 17.42
CA ASP A 65 -4.74 -12.12 18.45
C ASP A 65 -5.70 -10.97 18.71
N THR A 66 -6.42 -11.05 19.83
CA THR A 66 -7.45 -10.05 20.12
C THR A 66 -6.85 -8.70 20.45
N ARG A 67 -5.72 -8.69 21.16
CA ARG A 67 -5.02 -7.44 21.43
C ARG A 67 -4.10 -7.01 20.29
N GLY A 68 -4.14 -7.69 19.15
CA GLY A 68 -3.32 -7.31 18.03
C GLY A 68 -1.88 -7.77 18.08
N GLU A 69 -1.53 -8.68 18.99
CA GLU A 69 -0.17 -9.21 19.06
C GLU A 69 -0.01 -10.37 18.10
N LEU A 70 1.20 -10.51 17.55
CA LEU A 70 1.46 -11.59 16.60
C LEU A 70 1.61 -12.89 17.37
N THR A 71 0.91 -13.93 16.90
CA THR A 71 0.96 -15.24 17.53
C THR A 71 2.28 -15.95 17.19
N PRO A 72 2.65 -16.99 17.96
CA PRO A 72 3.81 -17.79 17.57
C PRO A 72 3.71 -18.37 16.16
N GLU A 73 2.50 -18.68 15.70
CA GLU A 73 2.36 -19.14 14.32
C GLU A 73 2.71 -18.03 13.34
N GLY A 74 2.40 -16.79 13.72
CA GLY A 74 2.83 -15.65 12.91
C GLY A 74 4.33 -15.48 12.88
N GLU A 75 4.97 -15.59 14.05
CA GLU A 75 6.43 -15.54 14.11
C GLU A 75 7.04 -16.62 13.23
N GLU A 76 6.46 -17.81 13.26
CA GLU A 76 6.98 -18.91 12.44
C GLU A 76 6.85 -18.60 10.96
N ARG A 77 5.67 -18.14 10.52
CA ARG A 77 5.51 -17.79 9.11
C ARG A 77 6.47 -16.67 8.71
N LEU A 78 6.65 -15.68 9.59
CA LEU A 78 7.57 -14.59 9.26
C LEU A 78 9.00 -15.11 9.19
N ALA A 79 9.41 -15.91 10.18
CA ALA A 79 10.75 -16.50 10.18
C ALA A 79 10.97 -17.36 8.95
N SER A 80 9.96 -18.13 8.56
CA SER A 80 10.06 -18.96 7.36
C SER A 80 10.23 -18.09 6.11
N ALA A 81 9.47 -17.00 6.03
CA ALA A 81 9.57 -16.11 4.87
C ALA A 81 10.97 -15.51 4.75
N LEU A 82 11.52 -15.03 5.86
CA LEU A 82 12.81 -14.36 5.80
C LEU A 82 13.95 -15.33 5.52
N THR A 83 13.84 -16.56 6.06
CA THR A 83 14.81 -17.60 5.71
C THR A 83 14.81 -17.86 4.21
N ARG A 84 13.63 -18.07 3.62
CA ARG A 84 13.55 -18.33 2.19
C ARG A 84 14.05 -17.11 1.40
N PHE A 85 13.66 -15.91 1.81
CA PHE A 85 14.14 -14.69 1.16
C PHE A 85 15.66 -14.60 1.21
N ARG A 86 16.25 -14.91 2.36
CA ARG A 86 17.71 -14.84 2.46
C ARG A 86 18.36 -15.80 1.48
N GLU A 87 17.81 -17.01 1.34
CA GLU A 87 18.39 -18.01 0.41
C GLU A 87 18.25 -17.56 -1.04
N LEU A 88 17.05 -17.09 -1.43
CA LEU A 88 16.80 -16.58 -2.78
C LEU A 88 17.80 -15.51 -3.17
N ALA A 89 18.04 -14.57 -2.27
CA ALA A 89 18.97 -13.49 -2.57
C ALA A 89 20.39 -14.02 -2.69
N ALA A 90 20.80 -14.87 -1.74
CA ALA A 90 22.17 -15.38 -1.74
C ALA A 90 22.44 -16.19 -3.00
N SER A 91 21.54 -17.11 -3.35
CA SER A 91 21.73 -17.90 -4.56
C SER A 91 21.71 -17.03 -5.82
N ALA A 92 21.14 -15.83 -5.75
CA ALA A 92 21.15 -14.95 -6.91
C ALA A 92 22.35 -14.01 -6.94
N GLY A 93 23.25 -14.11 -5.96
CA GLY A 93 24.41 -13.23 -5.92
C GLY A 93 24.10 -11.84 -5.39
N ALA A 94 22.97 -11.67 -4.68
CA ALA A 94 22.56 -10.36 -4.21
C ALA A 94 23.08 -10.03 -2.81
N GLY A 95 23.82 -10.92 -2.18
CA GLY A 95 24.36 -10.59 -0.87
C GLY A 95 23.33 -10.52 0.25
N ASP A 96 23.15 -9.35 0.87
CA ASP A 96 22.35 -9.20 2.07
C ASP A 96 21.03 -8.48 1.78
N VAL A 97 19.96 -8.91 2.45
CA VAL A 97 18.64 -8.34 2.21
C VAL A 97 18.37 -7.26 3.24
N ARG A 98 18.03 -6.08 2.76
CA ARG A 98 17.42 -5.07 3.62
C ARG A 98 15.93 -5.35 3.75
N VAL A 99 15.42 -5.43 4.97
CA VAL A 99 14.02 -5.79 5.20
C VAL A 99 13.37 -4.71 6.04
N TYR A 100 12.27 -4.16 5.54
CA TYR A 100 11.46 -3.20 6.28
C TYR A 100 10.08 -3.79 6.49
N ALA A 101 9.51 -3.58 7.68
CA ALA A 101 8.18 -4.06 8.01
C ALA A 101 7.25 -2.87 8.25
N THR A 102 6.00 -2.98 7.82
CA THR A 102 5.07 -1.85 7.82
C THR A 102 3.96 -2.11 8.82
N SER A 103 2.67 -1.94 8.46
CA SER A 103 1.59 -1.80 9.45
C SER A 103 1.46 -2.98 10.40
N ALA A 104 1.60 -4.21 9.89
CA ALA A 104 1.34 -5.38 10.73
C ALA A 104 2.23 -5.38 11.97
N LEU A 105 3.55 -5.34 11.78
CA LEU A 105 4.45 -5.32 12.93
C LEU A 105 4.48 -3.97 13.63
N ARG A 106 4.16 -2.88 12.91
CA ARG A 106 4.15 -1.56 13.55
C ARG A 106 3.07 -1.47 14.61
N GLU A 107 1.89 -2.04 14.33
CA GLU A 107 0.75 -1.93 15.24
C GLU A 107 0.67 -3.06 16.25
N ALA A 108 1.37 -4.16 16.02
CA ALA A 108 1.42 -5.23 17.00
C ALA A 108 2.21 -4.76 18.23
N PRO A 109 1.65 -4.88 19.43
CA PRO A 109 2.40 -4.48 20.63
C PRO A 109 3.68 -5.28 20.85
N ASN A 110 3.79 -6.47 20.26
CA ASN A 110 5.00 -7.28 20.37
C ASN A 110 5.79 -7.28 19.07
N GLY A 111 5.55 -6.29 18.20
CA GLY A 111 6.24 -6.24 16.92
C GLY A 111 7.74 -6.14 17.05
N ALA A 112 8.24 -5.33 18.00
CA ALA A 112 9.69 -5.20 18.15
C ALA A 112 10.31 -6.49 18.70
N GLU A 113 9.61 -7.15 19.62
CA GLU A 113 10.08 -8.42 20.14
C GLU A 113 10.13 -9.47 19.04
N VAL A 114 9.06 -9.55 18.23
CA VAL A 114 9.04 -10.48 17.12
C VAL A 114 10.22 -10.20 16.18
N ALA A 115 10.49 -8.92 15.90
CA ALA A 115 11.54 -8.59 14.95
C ALA A 115 12.89 -9.05 15.46
N GLU A 116 13.20 -8.81 16.73
CA GLU A 116 14.47 -9.29 17.26
C GLU A 116 14.55 -10.82 17.28
N ARG A 117 13.43 -11.51 17.55
CA ARG A 117 13.48 -12.97 17.57
C ARG A 117 13.67 -13.54 16.16
N VAL A 118 13.00 -12.95 15.18
CA VAL A 118 13.18 -13.37 13.80
C VAL A 118 14.63 -13.15 13.37
N ARG A 119 15.24 -12.04 13.82
CA ARG A 119 16.64 -11.81 13.50
C ARG A 119 17.52 -12.90 14.09
N GLN A 120 17.29 -13.26 15.36
CA GLN A 120 18.06 -14.33 15.99
C GLN A 120 17.88 -15.66 15.26
N ARG A 121 16.70 -15.90 14.72
CA ARG A 121 16.45 -17.17 14.05
C ARG A 121 16.91 -17.19 12.60
N THR A 122 16.91 -16.06 11.92
CA THR A 122 17.20 -16.07 10.49
C THR A 122 18.42 -15.26 10.10
N GLY A 123 18.88 -14.36 10.95
CA GLY A 123 19.93 -13.43 10.56
C GLY A 123 19.47 -12.21 9.77
N LEU A 124 18.19 -12.09 9.43
CA LEU A 124 17.64 -10.90 8.81
C LEU A 124 16.83 -10.13 9.84
N TYR A 125 17.02 -8.80 9.89
CA TYR A 125 16.29 -7.98 10.86
C TYR A 125 15.14 -7.21 10.19
N PRO A 126 13.88 -7.56 10.46
CA PRO A 126 12.77 -6.78 9.85
C PRO A 126 12.57 -5.45 10.55
N ALA A 127 13.23 -4.39 10.07
CA ALA A 127 13.16 -3.09 10.71
C ALA A 127 11.78 -2.45 10.53
N VAL A 128 11.13 -2.13 11.64
CA VAL A 128 9.76 -1.62 11.62
C VAL A 128 9.83 -0.13 11.34
N ILE A 129 9.38 0.28 10.19
CA ILE A 129 9.52 1.67 9.79
C ILE A 129 8.25 2.42 10.16
N SER A 130 8.40 3.73 10.46
CA SER A 130 7.24 4.55 10.76
C SER A 130 6.38 4.70 9.52
N GLY A 131 5.14 5.17 9.71
CA GLY A 131 4.30 5.44 8.57
C GLY A 131 4.88 6.53 7.69
N VAL A 132 5.48 7.55 8.30
CA VAL A 132 6.07 8.65 7.52
C VAL A 132 7.28 8.15 6.74
N ARG A 133 8.08 7.29 7.37
CA ARG A 133 9.23 6.72 6.66
C ARG A 133 8.75 5.89 5.47
N GLU A 134 7.72 5.06 5.68
CA GLU A 134 7.13 4.31 4.59
C GLU A 134 6.66 5.23 3.47
N GLY A 135 6.05 6.37 3.83
CA GLY A 135 5.52 7.26 2.82
C GLY A 135 6.61 7.94 2.01
N GLU A 136 7.68 8.39 2.68
CA GLU A 136 8.76 9.03 1.94
C GLU A 136 9.44 8.04 0.99
N LEU A 137 9.61 6.78 1.40
CA LEU A 137 10.19 5.79 0.49
C LEU A 137 9.23 5.40 -0.63
N THR A 138 7.94 5.32 -0.32
CA THR A 138 6.98 4.99 -1.35
C THR A 138 6.98 6.06 -2.44
N TYR A 139 7.14 7.32 -2.05
CA TYR A 139 7.17 8.41 -3.02
C TYR A 139 8.30 8.22 -4.02
N LEU A 140 9.45 7.72 -3.56
CA LEU A 140 10.53 7.37 -4.47
C LEU A 140 10.12 6.24 -5.41
N GLY A 141 9.45 5.21 -4.90
CA GLY A 141 8.98 4.16 -5.79
C GLY A 141 8.03 4.69 -6.85
N VAL A 142 7.14 5.60 -6.46
CA VAL A 142 6.23 6.22 -7.41
C VAL A 142 7.01 7.04 -8.44
N ARG A 143 7.98 7.83 -7.97
CA ARG A 143 8.80 8.65 -8.88
C ARG A 143 9.32 7.83 -10.04
N GLU A 144 9.80 6.63 -9.79
CA GLU A 144 10.38 5.87 -10.88
C GLU A 144 9.38 4.99 -11.62
N ALA A 145 8.10 5.03 -11.23
CA ALA A 145 7.06 4.29 -11.93
C ALA A 145 6.23 5.15 -12.86
N VAL A 146 5.97 6.41 -12.47
CA VAL A 146 5.14 7.32 -13.23
C VAL A 146 5.79 8.70 -13.20
N GLU A 147 5.35 9.57 -14.11
CA GLU A 147 6.02 10.85 -14.31
C GLU A 147 5.47 11.89 -13.35
N LEU A 148 6.30 12.32 -12.41
CA LEU A 148 5.94 13.32 -11.43
C LEU A 148 6.13 14.71 -12.00
N GLY A 149 5.37 15.65 -11.45
CA GLY A 149 5.47 17.02 -11.85
C GLY A 149 6.01 17.92 -10.75
N PRO A 150 5.88 19.23 -10.93
CA PRO A 150 6.41 20.18 -9.94
C PRO A 150 5.66 20.20 -8.62
N ASP A 151 4.42 19.72 -8.59
CA ASP A 151 3.65 19.69 -7.35
C ASP A 151 2.80 18.41 -7.35
N ASN A 152 3.23 17.42 -6.57
CA ASN A 152 2.55 16.13 -6.57
C ASN A 152 2.08 15.81 -5.16
N VAL A 153 0.86 15.30 -5.06
CA VAL A 153 0.34 14.75 -3.82
C VAL A 153 0.09 13.26 -4.04
N LEU A 154 0.66 12.44 -3.18
CA LEU A 154 0.56 10.99 -3.24
C LEU A 154 -0.24 10.51 -2.03
N LEU A 155 -1.21 9.64 -2.27
CA LEU A 155 -1.91 8.93 -1.20
C LEU A 155 -1.55 7.46 -1.30
N ASP A 156 -0.99 6.90 -0.22
CA ASP A 156 -0.64 5.48 -0.19
C ASP A 156 -1.47 4.83 0.91
N LEU A 157 -2.47 4.06 0.51
CA LEU A 157 -3.37 3.43 1.46
C LEU A 157 -2.88 2.00 1.71
N GLY A 158 -2.46 1.71 2.93
CA GLY A 158 -2.10 0.36 3.32
C GLY A 158 -3.12 -0.28 4.23
N GLY A 159 -2.67 -1.29 4.97
CA GLY A 159 -3.57 -2.00 5.86
C GLY A 159 -3.91 -1.21 7.11
N GLY A 160 -2.90 -0.60 7.75
CA GLY A 160 -3.16 0.11 8.98
C GLY A 160 -3.26 1.62 8.79
N SER A 161 -2.60 2.17 7.77
CA SER A 161 -2.45 3.61 7.73
C SER A 161 -2.59 4.13 6.31
N LEU A 162 -2.84 5.43 6.22
CA LEU A 162 -2.88 6.17 4.97
C LEU A 162 -1.81 7.24 5.05
N GLU A 163 -0.86 7.22 4.11
CA GLU A 163 0.20 8.22 4.04
C GLU A 163 -0.16 9.29 2.99
N PHE A 164 -0.05 10.54 3.39
CA PHE A 164 -0.16 11.68 2.49
C PHE A 164 1.24 12.17 2.25
N VAL A 165 1.64 12.33 0.98
CA VAL A 165 2.98 12.79 0.64
C VAL A 165 2.88 13.90 -0.38
N ARG A 166 3.60 15.00 -0.14
CA ARG A 166 3.67 16.10 -1.11
C ARG A 166 5.13 16.35 -1.46
N GLY A 167 5.41 16.55 -2.75
CA GLY A 167 6.75 16.97 -3.12
C GLY A 167 6.81 17.40 -4.57
N ALA A 168 8.04 17.53 -5.07
CA ALA A 168 8.24 17.89 -6.45
C ALA A 168 8.76 16.67 -7.21
N GLU A 169 9.60 16.89 -8.22
CA GLU A 169 9.98 15.78 -9.09
C GLU A 169 10.91 14.78 -8.43
N GLU A 170 11.61 15.16 -7.35
CA GLU A 170 12.70 14.32 -6.84
C GLU A 170 12.37 13.55 -5.57
N ARG A 171 11.70 14.17 -4.60
CA ARG A 171 11.56 13.54 -3.29
C ARG A 171 10.42 14.19 -2.53
N ALA A 172 10.00 13.53 -1.44
CA ALA A 172 8.96 14.07 -0.59
C ALA A 172 9.46 15.31 0.13
N ALA A 173 8.64 16.36 0.14
CA ALA A 173 8.85 17.49 1.04
C ALA A 173 8.05 17.37 2.34
N ASP A 174 6.83 16.85 2.28
CA ASP A 174 5.97 16.78 3.46
C ASP A 174 5.30 15.41 3.51
N VAL A 175 5.30 14.79 4.69
CA VAL A 175 4.67 13.49 4.87
C VAL A 175 3.79 13.51 6.10
N LEU A 176 2.61 12.91 5.98
CA LEU A 176 1.69 12.74 7.10
C LEU A 176 1.15 11.33 7.06
N SER A 177 1.16 10.64 8.20
CA SER A 177 0.60 9.29 8.28
C SER A 177 -0.59 9.33 9.23
N LEU A 178 -1.76 8.87 8.74
CA LEU A 178 -2.98 8.85 9.54
C LEU A 178 -3.52 7.43 9.67
N PRO A 179 -4.09 7.06 10.84
CA PRO A 179 -4.57 5.68 11.04
C PRO A 179 -5.86 5.38 10.31
N LEU A 180 -5.81 5.35 8.97
CA LEU A 180 -6.98 5.16 8.12
C LEU A 180 -6.78 4.00 7.15
N GLY A 181 -6.08 2.96 7.58
CA GLY A 181 -5.83 1.83 6.71
C GLY A 181 -7.08 1.06 6.37
N ALA A 182 -6.98 0.33 5.25
CA ALA A 182 -8.10 -0.47 4.74
C ALA A 182 -8.55 -1.50 5.76
N ILE A 183 -7.61 -2.20 6.39
CA ILE A 183 -7.98 -3.19 7.40
C ILE A 183 -8.45 -2.51 8.67
N ARG A 184 -7.74 -1.46 9.10
CA ARG A 184 -8.08 -0.79 10.35
C ARG A 184 -9.48 -0.18 10.29
N MET A 185 -9.83 0.42 9.16
CA MET A 185 -11.16 1.00 8.99
C MET A 185 -12.22 -0.09 8.86
N THR A 186 -11.91 -1.18 8.15
CA THR A 186 -12.88 -2.27 8.08
C THR A 186 -13.26 -2.75 9.48
N ARG A 187 -12.26 -2.82 10.37
CA ARG A 187 -12.49 -3.24 11.75
C ARG A 187 -13.10 -2.15 12.61
N ALA A 188 -12.68 -0.89 12.41
CA ALA A 188 -13.18 0.18 13.26
C ALA A 188 -14.68 0.40 13.09
N PHE A 189 -15.22 0.11 11.90
CA PHE A 189 -16.60 0.43 11.55
C PHE A 189 -17.24 -0.85 11.03
N PRO A 190 -17.52 -1.79 11.94
CA PRO A 190 -18.04 -3.09 11.51
C PRO A 190 -19.33 -2.90 10.73
N GLU A 191 -19.48 -3.70 9.69
CA GLU A 191 -20.65 -3.64 8.84
C GLU A 191 -21.75 -4.54 9.41
N GLY A 192 -22.95 -3.99 9.57
CA GLY A 192 -24.07 -4.78 10.02
C GLY A 192 -24.69 -5.59 8.89
N ASP A 193 -25.83 -6.21 9.21
CA ASP A 193 -26.56 -7.05 8.27
C ASP A 193 -27.48 -6.26 7.34
N GLY A 194 -27.83 -5.03 7.70
CA GLY A 194 -28.84 -4.31 6.96
C GLY A 194 -28.40 -3.99 5.53
N LYS A 195 -29.39 -3.76 4.67
CA LYS A 195 -29.10 -3.41 3.29
C LYS A 195 -28.31 -2.11 3.18
N ASN A 196 -28.51 -1.18 4.11
CA ASN A 196 -27.80 0.10 4.07
C ASN A 196 -26.48 0.09 4.82
N ALA A 197 -26.03 -1.07 5.31
CA ALA A 197 -24.88 -1.07 6.20
C ALA A 197 -23.61 -0.67 5.46
N GLY A 198 -23.48 -1.08 4.19
CA GLY A 198 -22.32 -0.65 3.41
C GLY A 198 -22.26 0.86 3.22
N ARG A 199 -23.40 1.48 2.90
CA ARG A 199 -23.44 2.94 2.78
C ARG A 199 -23.14 3.61 4.11
N ASP A 200 -23.70 3.08 5.20
CA ASP A 200 -23.48 3.68 6.51
C ASP A 200 -21.99 3.60 6.88
N VAL A 201 -21.33 2.50 6.52
CA VAL A 201 -19.90 2.38 6.83
C VAL A 201 -19.10 3.35 5.99
N ALA A 202 -19.41 3.41 4.70
CA ALA A 202 -18.76 4.36 3.80
C ALA A 202 -18.86 5.78 4.34
N ASP A 203 -20.05 6.16 4.84
CA ASP A 203 -20.24 7.51 5.36
C ASP A 203 -19.45 7.71 6.64
N ALA A 204 -19.42 6.70 7.52
CA ALA A 204 -18.69 6.83 8.79
C ALA A 204 -17.20 6.94 8.54
N VAL A 205 -16.68 6.10 7.63
CA VAL A 205 -15.28 6.19 7.25
C VAL A 205 -14.96 7.57 6.72
N ALA A 206 -15.82 8.11 5.84
CA ALA A 206 -15.58 9.44 5.30
C ALA A 206 -15.57 10.48 6.40
N ARG A 207 -16.48 10.37 7.38
CA ARG A 207 -16.45 11.33 8.49
C ARG A 207 -15.16 11.19 9.28
N GLN A 208 -14.67 9.96 9.46
CA GLN A 208 -13.41 9.76 10.17
C GLN A 208 -12.23 10.34 9.39
N VAL A 209 -12.24 10.21 8.06
CA VAL A 209 -11.15 10.76 7.25
C VAL A 209 -11.11 12.27 7.42
N ARG A 210 -12.26 12.94 7.27
CA ARG A 210 -12.30 14.39 7.40
C ARG A 210 -11.89 14.83 8.80
N GLU A 211 -12.30 14.09 9.83
CA GLU A 211 -11.94 14.47 11.19
C GLU A 211 -10.43 14.43 11.43
N LEU A 212 -9.75 13.39 10.91
CA LEU A 212 -8.31 13.28 11.12
C LEU A 212 -7.54 14.24 10.24
N LEU A 213 -8.11 14.68 9.12
CA LEU A 213 -7.48 15.72 8.32
C LEU A 213 -7.78 17.12 8.82
N ARG A 214 -8.71 17.27 9.77
CA ARG A 214 -9.11 18.60 10.20
C ARG A 214 -7.98 19.42 10.80
N PRO A 215 -7.00 18.84 11.52
CA PRO A 215 -5.87 19.67 11.96
C PRO A 215 -4.93 20.07 10.84
N HIS A 216 -5.14 19.58 9.62
CA HIS A 216 -4.11 19.61 8.58
C HIS A 216 -4.58 20.24 7.27
N ALA A 217 -5.52 21.18 7.35
CA ALA A 217 -6.01 21.81 6.14
C ALA A 217 -4.91 22.60 5.43
N GLY A 218 -4.94 22.60 4.10
CA GLY A 218 -3.94 23.25 3.29
C GLY A 218 -2.67 22.46 3.03
N ARG A 219 -2.39 21.43 3.80
CA ARG A 219 -1.10 20.76 3.67
C ARG A 219 -1.03 19.94 2.40
N PHE A 220 -2.09 19.21 2.08
CA PHE A 220 -2.11 18.34 0.92
C PHE A 220 -3.20 18.71 -0.06
N ALA A 221 -3.78 19.90 0.10
CA ALA A 221 -4.89 20.34 -0.72
C ALA A 221 -4.41 20.77 -2.09
N ALA A 222 -5.24 20.53 -3.11
CA ALA A 222 -4.89 20.89 -4.47
C ALA A 222 -4.64 22.39 -4.60
N ARG A 223 -3.52 22.73 -5.20
CA ARG A 223 -3.19 24.04 -5.75
C ARG A 223 -3.32 23.96 -7.26
N PRO A 224 -3.33 25.09 -7.95
CA PRO A 224 -3.33 25.02 -9.43
C PRO A 224 -2.15 24.22 -9.96
N GLY A 225 -2.43 23.22 -10.78
CA GLY A 225 -1.38 22.37 -11.32
C GLY A 225 -0.95 21.20 -10.44
N THR A 226 -1.56 21.02 -9.27
CA THR A 226 -1.24 19.85 -8.44
C THR A 226 -1.67 18.58 -9.15
N GLN A 227 -0.78 17.59 -9.21
CA GLN A 227 -1.11 16.28 -9.75
C GLN A 227 -1.19 15.26 -8.61
N PHE A 228 -2.23 14.43 -8.63
CA PHE A 228 -2.46 13.48 -7.56
C PHE A 228 -2.12 12.06 -8.02
N PHE A 229 -1.52 11.29 -7.11
CA PHE A 229 -1.15 9.92 -7.41
C PHE A 229 -1.57 9.01 -6.28
N LEU A 230 -1.80 7.74 -6.63
CA LEU A 230 -2.12 6.69 -5.68
C LEU A 230 -1.17 5.53 -5.89
N SER A 231 -0.86 4.83 -4.80
CA SER A 231 -0.09 3.58 -4.84
C SER A 231 -0.74 2.55 -3.94
N SER A 232 -0.19 1.32 -4.00
CA SER A 232 -0.55 0.13 -3.24
C SER A 232 -1.83 -0.53 -3.74
N GLY A 233 -2.25 -1.59 -3.04
CA GLY A 233 -3.11 -2.62 -3.64
C GLY A 233 -4.55 -2.17 -3.84
N THR A 234 -5.10 -1.43 -2.88
CA THR A 234 -6.46 -0.93 -3.06
C THR A 234 -6.56 -0.07 -4.32
N ALA A 235 -5.63 0.87 -4.48
CA ALA A 235 -5.70 1.79 -5.62
C ALA A 235 -5.52 1.05 -6.93
N GLU A 236 -4.61 0.06 -6.97
CA GLU A 236 -4.45 -0.73 -8.18
C GLU A 236 -5.70 -1.55 -8.49
N ALA A 237 -6.33 -2.13 -7.45
CA ALA A 237 -7.59 -2.83 -7.68
C ALA A 237 -8.66 -1.88 -8.19
N ALA A 238 -8.72 -0.68 -7.59
CA ALA A 238 -9.71 0.31 -8.03
C ALA A 238 -9.51 0.67 -9.49
N ALA A 239 -8.27 0.84 -9.91
CA ALA A 239 -8.00 1.19 -11.31
C ALA A 239 -8.39 0.04 -12.23
N ASP A 240 -8.08 -1.20 -11.83
CA ASP A 240 -8.50 -2.36 -12.62
C ASP A 240 -10.02 -2.40 -12.75
N ALA A 241 -10.73 -2.30 -11.63
CA ALA A 241 -12.19 -2.34 -11.64
C ALA A 241 -12.78 -1.23 -12.50
N ILE A 242 -12.28 -0.01 -12.34
CA ILE A 242 -12.84 1.12 -13.09
C ILE A 242 -12.57 0.96 -14.58
N ALA A 243 -11.38 0.47 -14.95
CA ALA A 243 -11.10 0.29 -16.36
C ALA A 243 -12.00 -0.78 -16.96
N GLN A 244 -12.22 -1.89 -16.24
CA GLN A 244 -13.13 -2.92 -16.75
C GLN A 244 -14.57 -2.43 -16.78
N ARG A 245 -14.92 -1.48 -15.90
CA ARG A 245 -16.26 -0.91 -15.93
C ARG A 245 -16.45 0.05 -17.07
N ARG A 246 -15.36 0.56 -17.64
CA ARG A 246 -15.38 1.29 -18.89
C ARG A 246 -15.28 0.40 -20.12
N GLY A 247 -15.25 -0.92 -19.93
CA GLY A 247 -15.19 -1.87 -21.03
C GLY A 247 -13.83 -2.47 -21.29
N GLY A 248 -12.85 -2.27 -20.41
CA GLY A 248 -11.53 -2.79 -20.63
C GLY A 248 -11.39 -4.24 -20.21
N ARG A 249 -10.29 -4.86 -20.67
CA ARG A 249 -9.92 -6.20 -20.27
C ARG A 249 -9.33 -6.19 -18.86
N PRO A 250 -9.33 -7.33 -18.17
CA PRO A 250 -8.67 -7.37 -16.87
C PRO A 250 -7.23 -6.92 -17.00
N ALA A 251 -6.72 -6.28 -15.93
CA ALA A 251 -5.38 -5.72 -15.99
C ALA A 251 -4.34 -6.79 -16.25
N GLU A 252 -4.62 -8.03 -15.81
CA GLU A 252 -3.70 -9.12 -16.04
C GLU A 252 -3.47 -9.38 -17.53
N ALA A 253 -4.49 -9.15 -18.36
CA ALA A 253 -4.35 -9.28 -19.80
C ALA A 253 -3.90 -8.01 -20.49
N ALA A 254 -3.91 -6.88 -19.79
CA ALA A 254 -3.51 -5.60 -20.36
C ALA A 254 -2.17 -5.12 -19.80
N GLY A 255 -1.41 -6.00 -19.15
CA GLY A 255 -0.08 -5.64 -18.69
C GLY A 255 0.00 -4.84 -17.41
N GLY A 256 -1.06 -4.80 -16.61
CA GLY A 256 -1.02 -4.10 -15.34
C GLY A 256 -1.72 -2.76 -15.42
N VAL A 257 -1.69 -2.05 -14.29
CA VAL A 257 -2.42 -0.79 -14.14
C VAL A 257 -1.48 0.39 -13.99
N ASN A 258 -0.18 0.19 -14.08
CA ASN A 258 0.74 1.31 -13.87
C ASN A 258 0.49 2.41 -14.86
N GLY A 259 0.32 3.64 -14.36
CA GLY A 259 0.03 4.78 -15.20
C GLY A 259 -1.42 4.98 -15.55
N GLU A 260 -2.29 4.05 -15.21
CA GLU A 260 -3.72 4.24 -15.48
C GLU A 260 -4.24 5.44 -14.70
N ARG A 261 -5.20 6.13 -15.27
CA ARG A 261 -5.80 7.28 -14.61
C ARG A 261 -7.28 7.00 -14.40
N PHE A 262 -7.87 7.64 -13.40
CA PHE A 262 -9.31 7.62 -13.24
C PHE A 262 -9.74 8.88 -12.48
N THR A 263 -10.98 9.29 -12.70
CA THR A 263 -11.52 10.50 -12.10
C THR A 263 -12.16 10.21 -10.74
N LEU A 264 -12.37 11.27 -9.97
CA LEU A 264 -13.04 11.12 -8.69
C LEU A 264 -14.46 10.58 -8.89
N THR A 265 -15.14 11.04 -9.94
CA THR A 265 -16.47 10.54 -10.26
C THR A 265 -16.48 9.05 -10.54
N GLU A 266 -15.47 8.54 -11.25
CA GLU A 266 -15.40 7.09 -11.51
C GLU A 266 -15.22 6.33 -10.21
N LEU A 267 -14.39 6.88 -9.30
CA LEU A 267 -14.21 6.26 -7.99
C LEU A 267 -15.49 6.30 -7.17
N ALA A 268 -16.20 7.44 -7.19
CA ALA A 268 -17.46 7.51 -6.46
C ALA A 268 -18.45 6.46 -6.98
N ASP A 269 -18.46 6.21 -8.29
CA ASP A 269 -19.42 5.26 -8.87
C ASP A 269 -19.07 3.83 -8.51
N LEU A 270 -17.77 3.52 -8.49
CA LEU A 270 -17.34 2.21 -8.04
C LEU A 270 -17.67 2.01 -6.56
N LEU A 271 -17.50 3.04 -5.75
CA LEU A 271 -17.80 2.93 -4.33
C LEU A 271 -19.30 2.71 -4.11
N ALA A 272 -20.14 3.49 -4.81
CA ALA A 272 -21.58 3.33 -4.67
C ALA A 272 -22.00 1.92 -5.07
N HIS A 273 -21.39 1.39 -6.14
CA HIS A 273 -21.67 0.01 -6.53
C HIS A 273 -21.25 -0.95 -5.41
N VAL A 274 -20.02 -0.79 -4.91
CA VAL A 274 -19.52 -1.71 -3.88
C VAL A 274 -20.37 -1.63 -2.61
N ALA A 275 -20.86 -0.44 -2.28
CA ALA A 275 -21.56 -0.26 -1.01
C ALA A 275 -22.91 -0.96 -1.01
N ARG A 276 -23.55 -1.06 -2.17
CA ARG A 276 -24.83 -1.76 -2.29
C ARG A 276 -24.66 -3.28 -2.34
N LEU A 277 -23.44 -3.78 -2.42
CA LEU A 277 -23.18 -5.22 -2.43
C LEU A 277 -22.77 -5.70 -1.04
N ARG A 278 -22.94 -7.02 -0.83
CA ARG A 278 -22.42 -7.63 0.39
C ARG A 278 -21.00 -8.16 0.14
N PRO A 279 -20.21 -8.34 1.23
CA PRO A 279 -18.78 -8.73 1.06
C PRO A 279 -18.48 -9.80 0.03
N ALA A 280 -19.28 -10.87 0.02
CA ALA A 280 -19.05 -11.96 -0.91
C ALA A 280 -19.25 -11.49 -2.35
N GLN A 281 -20.26 -10.65 -2.57
CA GLN A 281 -20.48 -10.08 -3.89
C GLN A 281 -19.34 -9.16 -4.29
N ARG A 282 -18.79 -8.40 -3.34
CA ARG A 282 -17.73 -7.45 -3.65
C ARG A 282 -16.53 -8.15 -4.26
N ALA A 283 -16.18 -9.32 -3.74
CA ALA A 283 -15.09 -10.14 -4.27
C ALA A 283 -15.38 -10.73 -5.65
N ARG A 284 -16.57 -10.49 -6.21
CA ARG A 284 -16.88 -10.91 -7.57
C ARG A 284 -16.95 -9.73 -8.53
N VAL A 285 -16.79 -8.51 -8.05
CA VAL A 285 -16.67 -7.33 -8.90
C VAL A 285 -15.33 -7.44 -9.61
N PRO A 286 -15.28 -7.36 -10.95
CA PRO A 286 -14.02 -7.58 -11.65
C PRO A 286 -12.99 -6.51 -11.29
N GLY A 287 -11.79 -6.96 -10.93
CA GLY A 287 -10.76 -6.09 -10.41
C GLY A 287 -10.63 -6.12 -8.91
N LEU A 288 -11.73 -6.41 -8.21
CA LEU A 288 -11.76 -6.40 -6.76
C LEU A 288 -11.65 -7.79 -6.15
N GLU A 289 -11.40 -8.81 -6.97
CA GLU A 289 -11.15 -10.14 -6.42
C GLU A 289 -9.96 -10.06 -5.48
N ARG A 290 -10.01 -10.84 -4.41
CA ARG A 290 -9.00 -10.89 -3.35
C ARG A 290 -8.99 -9.65 -2.47
N ARG A 291 -9.96 -8.73 -2.63
CA ARG A 291 -10.07 -7.59 -1.72
C ARG A 291 -11.48 -7.37 -1.21
N GLY A 292 -12.37 -8.36 -1.33
CA GLY A 292 -13.75 -8.16 -0.94
C GLY A 292 -13.95 -7.79 0.51
N ASP A 293 -13.03 -8.25 1.39
CA ASP A 293 -13.19 -8.07 2.83
C ASP A 293 -12.96 -6.62 3.27
N THR A 294 -12.12 -5.87 2.57
CA THR A 294 -11.78 -4.51 2.97
C THR A 294 -12.08 -3.46 1.90
N ILE A 295 -12.53 -3.86 0.72
CA ILE A 295 -12.55 -2.91 -0.41
C ILE A 295 -13.55 -1.80 -0.13
N LEU A 296 -14.63 -2.09 0.58
CA LEU A 296 -15.62 -1.04 0.83
C LEU A 296 -15.00 0.09 1.65
N ALA A 297 -14.41 -0.26 2.80
CA ALA A 297 -13.81 0.74 3.67
C ALA A 297 -12.66 1.43 2.97
N ALA A 298 -11.90 0.69 2.16
CA ALA A 298 -10.70 1.23 1.54
C ALA A 298 -11.07 2.24 0.46
N LEU A 299 -12.05 1.90 -0.37
CA LEU A 299 -12.53 2.85 -1.36
C LEU A 299 -13.12 4.08 -0.70
N SER A 300 -13.80 3.87 0.43
CA SER A 300 -14.35 5.00 1.17
C SER A 300 -13.23 5.90 1.67
N VAL A 301 -12.13 5.32 2.16
CA VAL A 301 -11.01 6.16 2.57
C VAL A 301 -10.48 6.95 1.39
N LEU A 302 -10.22 6.28 0.27
CA LEU A 302 -9.62 6.95 -0.87
C LEU A 302 -10.50 8.09 -1.37
N HIS A 303 -11.80 7.82 -1.55
CA HIS A 303 -12.68 8.86 -2.08
C HIS A 303 -12.78 10.04 -1.13
N ALA A 304 -12.97 9.77 0.16
CA ALA A 304 -13.09 10.85 1.13
C ALA A 304 -11.82 11.67 1.18
N ALA A 305 -10.66 11.03 1.12
CA ALA A 305 -9.41 11.77 1.18
C ALA A 305 -9.23 12.63 -0.08
N LEU A 306 -9.39 12.02 -1.24
CA LEU A 306 -9.21 12.73 -2.50
C LEU A 306 -10.20 13.88 -2.63
N ASP A 307 -11.46 13.65 -2.25
CA ASP A 307 -12.46 14.71 -2.28
C ASP A 307 -12.05 15.87 -1.37
N ALA A 308 -11.60 15.57 -0.15
CA ALA A 308 -11.22 16.61 0.78
C ALA A 308 -10.02 17.41 0.28
N LEU A 309 -9.13 16.80 -0.48
CA LEU A 309 -7.97 17.51 -1.00
C LEU A 309 -8.27 18.24 -2.31
N GLY A 310 -9.45 18.07 -2.87
CA GLY A 310 -9.77 18.68 -4.15
C GLY A 310 -9.18 18.00 -5.35
N ALA A 311 -8.90 16.70 -5.28
CA ALA A 311 -8.42 16.00 -6.46
C ALA A 311 -9.58 15.76 -7.42
N ARG A 312 -9.32 15.99 -8.71
CA ARG A 312 -10.24 15.67 -9.78
C ARG A 312 -9.91 14.36 -10.48
N GLU A 313 -8.62 14.04 -10.60
CA GLU A 313 -8.18 12.85 -11.30
C GLU A 313 -6.90 12.37 -10.64
N VAL A 314 -6.64 11.07 -10.73
CA VAL A 314 -5.42 10.50 -10.18
C VAL A 314 -4.76 9.59 -11.20
N THR A 315 -3.45 9.44 -11.05
CA THR A 315 -2.66 8.42 -11.72
C THR A 315 -2.24 7.38 -10.70
N VAL A 316 -2.35 6.10 -11.08
CA VAL A 316 -1.99 4.99 -10.23
C VAL A 316 -0.58 4.52 -10.56
N SER A 317 0.20 4.25 -9.51
CA SER A 317 1.58 3.81 -9.67
C SER A 317 1.73 2.42 -9.08
N GLU A 318 2.27 1.49 -9.87
CA GLU A 318 2.60 0.18 -9.33
C GLU A 318 3.92 0.20 -8.56
N GLY A 319 4.74 1.23 -8.74
CA GLY A 319 5.91 1.40 -7.89
C GLY A 319 5.53 1.95 -6.52
N ALA A 320 6.19 1.44 -5.48
CA ALA A 320 5.86 1.83 -4.13
C ALA A 320 7.05 1.62 -3.19
N LEU A 321 6.79 1.09 -1.98
CA LEU A 321 7.83 1.03 -0.94
C LEU A 321 9.07 0.25 -1.39
N ARG A 322 8.92 -0.93 -1.98
CA ARG A 322 10.11 -1.74 -2.27
C ARG A 322 11.02 -1.05 -3.29
N GLU A 323 10.42 -0.45 -4.30
CA GLU A 323 11.20 0.29 -5.29
C GLU A 323 11.91 1.47 -4.64
N GLY A 324 11.21 2.16 -3.74
CA GLY A 324 11.84 3.24 -3.00
C GLY A 324 13.00 2.77 -2.14
N MET A 325 12.86 1.60 -1.51
CA MET A 325 14.00 1.04 -0.78
C MET A 325 15.21 0.86 -1.70
N LEU A 326 14.98 0.36 -2.91
CA LEU A 326 16.07 0.20 -3.86
C LEU A 326 16.74 1.52 -4.16
N ILE A 327 15.93 2.54 -4.45
CA ILE A 327 16.44 3.84 -4.84
C ILE A 327 17.30 4.42 -3.74
N GLU A 328 16.89 4.24 -2.49
CA GLU A 328 17.71 4.77 -1.40
C GLU A 328 19.00 3.98 -1.26
N GLU A 329 18.95 2.67 -1.45
CA GLU A 329 20.14 1.84 -1.33
C GLU A 329 21.16 2.19 -2.42
N LEU A 330 20.69 2.58 -3.60
CA LEU A 330 21.57 2.86 -4.72
C LEU A 330 22.18 4.26 -4.59
NA NA B . 0.18 3.07 3.79
#